data_2PYB
#
_entry.id   2PYB
#
_cell.length_a   93.078
_cell.length_b   93.078
_cell.length_c   227.500
_cell.angle_alpha   90.00
_cell.angle_beta   90.00
_cell.angle_gamma   120.00
#
_symmetry.space_group_name_H-M   'H 3'
#
loop_
_entity.id
_entity.type
_entity.pdbx_description
1 polymer 'Neutrophil activating protein'
2 non-polymer 'FE (III) ION'
3 water water
#
_entity_poly.entity_id   1
_entity_poly.type   'polypeptide(L)'
_entity_poly.pdbx_seq_one_letter_code
;DDLDAIQLKLQELLASLHIFYSNLRGIHWNIKDTNFFVIHKKTQKLYEYIEKIIDIVAERSRMLGYDSEFRYSEFMKKSF
IKELDIESTSNFLPSMESIVCSLTEILKNIFGMRKLIDTAGDYGTANIMDDIMSDLEKHLWMHKALLENCD
;
_entity_poly.pdbx_strand_id   A,B,C,D
#
loop_
_chem_comp.id
_chem_comp.type
_chem_comp.name
_chem_comp.formula
FE non-polymer 'FE (III) ION' 'Fe 3'
#
# COMPACT_ATOMS: atom_id res chain seq x y z
N ASP A 1 -31.68 -38.97 -3.63
CA ASP A 1 -31.85 -38.54 -2.21
C ASP A 1 -30.54 -38.71 -1.42
N ASP A 2 -29.89 -39.85 -1.66
CA ASP A 2 -28.60 -40.27 -1.06
C ASP A 2 -27.56 -39.13 -0.91
N LEU A 3 -26.43 -39.43 -0.27
CA LEU A 3 -25.35 -38.46 -0.12
C LEU A 3 -25.57 -37.28 0.83
N ASP A 4 -26.07 -37.55 2.02
CA ASP A 4 -26.30 -36.51 3.02
C ASP A 4 -25.11 -36.64 3.96
N ALA A 5 -24.59 -37.86 3.98
CA ALA A 5 -23.46 -38.28 4.78
C ALA A 5 -22.44 -37.15 4.93
N ILE A 6 -21.39 -37.26 4.12
CA ILE A 6 -20.31 -36.29 4.09
C ILE A 6 -20.79 -34.88 3.68
N GLN A 7 -22.02 -34.77 3.20
CA GLN A 7 -22.53 -33.47 2.77
C GLN A 7 -22.85 -32.56 3.95
N LEU A 8 -23.54 -33.13 4.93
CA LEU A 8 -23.90 -32.34 6.09
C LEU A 8 -22.64 -31.95 6.83
N LYS A 9 -21.54 -32.63 6.56
CA LYS A 9 -20.30 -32.30 7.24
C LYS A 9 -19.56 -31.17 6.57
N LEU A 10 -19.84 -30.95 5.29
CA LEU A 10 -19.20 -29.88 4.54
C LEU A 10 -19.55 -28.56 5.25
N GLN A 11 -20.82 -28.49 5.67
CA GLN A 11 -21.34 -27.33 6.39
C GLN A 11 -20.55 -27.21 7.70
N GLU A 12 -20.05 -28.34 8.17
CA GLU A 12 -19.27 -28.36 9.39
C GLU A 12 -17.99 -27.56 9.19
N LEU A 13 -17.30 -27.84 8.10
CA LEU A 13 -16.07 -27.13 7.80
C LEU A 13 -16.49 -25.80 7.21
N LEU A 14 -17.42 -25.81 6.26
CA LEU A 14 -17.87 -24.58 5.63
C LEU A 14 -18.15 -23.49 6.66
N ALA A 15 -18.60 -23.93 7.84
CA ALA A 15 -18.93 -23.05 8.95
C ALA A 15 -17.73 -22.52 9.71
N SER A 16 -16.81 -23.42 10.03
CA SER A 16 -15.61 -23.11 10.79
C SER A 16 -14.56 -22.39 9.94
N LEU A 17 -14.80 -22.36 8.64
CA LEU A 17 -13.88 -21.74 7.70
C LEU A 17 -14.11 -20.22 7.71
N HIS A 18 -15.37 -19.81 7.73
CA HIS A 18 -15.69 -18.39 7.73
C HIS A 18 -15.45 -17.73 9.07
N ILE A 19 -15.15 -18.55 10.08
CA ILE A 19 -14.89 -18.08 11.43
C ILE A 19 -13.39 -17.85 11.55
N PHE A 20 -12.62 -18.71 10.91
CA PHE A 20 -11.17 -18.58 10.91
C PHE A 20 -10.93 -17.45 9.91
N TYR A 21 -11.89 -17.28 9.01
CA TYR A 21 -11.79 -16.22 8.02
C TYR A 21 -11.70 -14.88 8.71
N SER A 22 -12.78 -14.43 9.35
CA SER A 22 -12.77 -13.11 10.00
C SER A 22 -11.85 -12.97 11.22
N ASN A 23 -11.35 -14.07 11.74
CA ASN A 23 -10.45 -13.96 12.85
C ASN A 23 -9.16 -13.53 12.18
N LEU A 24 -8.88 -14.18 11.04
CA LEU A 24 -7.70 -13.86 10.23
C LEU A 24 -7.70 -12.33 9.92
N ARG A 25 -8.83 -11.84 9.41
CA ARG A 25 -9.03 -10.42 9.08
C ARG A 25 -9.11 -9.63 10.38
N GLY A 26 -8.81 -10.32 11.48
CA GLY A 26 -8.83 -9.69 12.77
C GLY A 26 -7.39 -9.65 13.21
N ILE A 27 -6.68 -10.74 12.95
CA ILE A 27 -5.26 -10.81 13.28
C ILE A 27 -4.67 -9.69 12.43
N HIS A 28 -5.07 -9.72 11.15
CA HIS A 28 -4.68 -8.79 10.07
C HIS A 28 -5.01 -7.30 10.28
N TRP A 29 -6.08 -6.99 11.01
CA TRP A 29 -6.40 -5.57 11.22
C TRP A 29 -5.81 -4.93 12.49
N ASN A 30 -5.76 -5.68 13.59
CA ASN A 30 -5.23 -5.14 14.85
C ASN A 30 -3.74 -5.38 15.13
N ILE A 31 -3.20 -6.46 14.58
CA ILE A 31 -1.80 -6.79 14.77
C ILE A 31 -0.94 -5.57 15.07
N LYS A 32 -0.04 -5.73 16.03
CA LYS A 32 0.91 -4.69 16.45
C LYS A 32 2.12 -5.39 17.09
N ASP A 33 3.03 -5.85 16.23
CA ASP A 33 4.23 -6.59 16.65
C ASP A 33 5.41 -6.07 15.86
N THR A 34 6.59 -6.58 16.20
CA THR A 34 7.83 -6.20 15.56
C THR A 34 7.89 -6.72 14.10
N ASN A 35 7.62 -8.01 13.92
CA ASN A 35 7.63 -8.60 12.58
C ASN A 35 6.69 -7.76 11.70
N PHE A 36 5.57 -7.32 12.28
CA PHE A 36 4.48 -6.55 11.65
C PHE A 36 4.35 -6.69 10.13
N PHE A 37 5.04 -5.82 9.39
CA PHE A 37 5.04 -5.79 7.91
C PHE A 37 4.76 -7.09 7.30
N VAL A 38 5.46 -8.07 7.76
CA VAL A 38 5.29 -9.45 7.23
C VAL A 38 4.06 -10.07 7.79
N ILE A 39 3.93 -10.11 9.10
CA ILE A 39 2.87 -10.81 9.79
C ILE A 39 1.66 -9.99 9.29
N HIS A 40 1.77 -8.96 8.47
CA HIS A 40 0.62 -8.24 7.95
C HIS A 40 0.22 -8.62 6.58
N LYS A 41 1.20 -9.13 5.86
CA LYS A 41 1.04 -9.59 4.48
C LYS A 41 0.64 -11.07 4.51
N LYS A 42 1.32 -11.87 5.34
CA LYS A 42 1.08 -13.32 5.49
C LYS A 42 -0.25 -13.74 6.10
N THR A 43 -0.84 -12.87 6.90
CA THR A 43 -2.12 -13.19 7.50
C THR A 43 -3.13 -13.00 6.40
N GLN A 44 -2.91 -11.94 5.63
CA GLN A 44 -3.76 -11.60 4.50
C GLN A 44 -3.69 -12.73 3.49
N LYS A 45 -2.46 -13.23 3.33
CA LYS A 45 -2.15 -14.31 2.40
C LYS A 45 -2.80 -15.62 2.85
N LEU A 46 -3.36 -15.62 4.06
CA LEU A 46 -3.99 -16.82 4.59
C LEU A 46 -5.48 -16.80 4.38
N TYR A 47 -6.10 -15.77 4.94
CA TYR A 47 -7.52 -15.58 4.83
C TYR A 47 -7.92 -15.36 3.39
N GLU A 48 -6.94 -15.08 2.55
CA GLU A 48 -7.16 -14.82 1.14
C GLU A 48 -7.21 -16.16 0.44
N TYR A 49 -6.45 -17.09 1.02
CA TYR A 49 -6.27 -18.46 0.57
C TYR A 49 -7.30 -19.40 1.15
N ILE A 50 -7.83 -19.06 2.32
CA ILE A 50 -8.86 -19.94 2.84
C ILE A 50 -10.15 -19.31 2.35
N GLU A 51 -10.02 -18.20 1.62
CA GLU A 51 -11.18 -17.53 1.05
C GLU A 51 -11.60 -18.36 -0.14
N LYS A 52 -10.61 -18.82 -0.89
CA LYS A 52 -10.87 -19.64 -2.06
C LYS A 52 -11.29 -21.04 -1.68
N ILE A 53 -10.92 -21.47 -0.49
CA ILE A 53 -11.27 -22.79 -0.03
C ILE A 53 -12.70 -22.81 0.43
N ILE A 54 -13.15 -21.65 0.88
CA ILE A 54 -14.52 -21.48 1.36
C ILE A 54 -15.53 -21.51 0.25
N ASP A 55 -15.21 -20.90 -0.88
CA ASP A 55 -16.15 -20.88 -2.01
C ASP A 55 -16.26 -22.27 -2.64
N ILE A 56 -15.15 -22.89 -2.93
CA ILE A 56 -15.19 -24.19 -3.54
C ILE A 56 -15.82 -25.18 -2.61
N VAL A 57 -15.43 -25.14 -1.35
CA VAL A 57 -16.01 -26.05 -0.40
C VAL A 57 -17.51 -25.93 -0.49
N ALA A 58 -17.97 -24.71 -0.73
CA ALA A 58 -19.39 -24.47 -0.83
C ALA A 58 -19.96 -25.03 -2.13
N GLU A 59 -19.15 -24.99 -3.19
CA GLU A 59 -19.55 -25.49 -4.51
C GLU A 59 -19.54 -27.02 -4.63
N ARG A 60 -18.92 -27.70 -3.68
CA ARG A 60 -18.92 -29.14 -3.68
C ARG A 60 -20.37 -29.50 -3.37
N SER A 61 -20.95 -28.75 -2.43
CA SER A 61 -22.32 -28.96 -2.05
C SER A 61 -23.13 -28.94 -3.35
N ARG A 62 -23.23 -27.78 -3.99
CA ARG A 62 -23.97 -27.67 -5.23
C ARG A 62 -23.64 -28.74 -6.29
N MET A 63 -22.43 -29.29 -6.23
CA MET A 63 -22.00 -30.34 -7.18
C MET A 63 -22.97 -31.50 -7.22
N LEU A 64 -23.24 -31.98 -6.00
CA LEU A 64 -24.12 -33.11 -5.75
C LEU A 64 -25.60 -32.70 -6.03
N GLY A 65 -26.22 -32.02 -5.07
CA GLY A 65 -27.59 -31.57 -5.22
C GLY A 65 -27.90 -30.52 -4.18
N TYR A 66 -27.12 -30.54 -3.10
CA TYR A 66 -27.31 -29.61 -2.01
C TYR A 66 -27.20 -28.15 -2.38
N ASP A 67 -27.90 -27.36 -1.59
CA ASP A 67 -27.93 -25.93 -1.73
C ASP A 67 -27.27 -25.29 -0.53
N SER A 68 -26.05 -24.81 -0.76
CA SER A 68 -25.26 -24.17 0.26
C SER A 68 -25.94 -23.06 1.07
N GLU A 69 -25.40 -22.82 2.25
CA GLU A 69 -25.88 -21.78 3.16
C GLU A 69 -24.84 -20.65 3.13
N PHE A 70 -25.24 -19.51 3.70
CA PHE A 70 -24.40 -18.29 3.78
C PHE A 70 -24.84 -17.46 5.02
N ARG A 71 -25.83 -17.98 5.73
CA ARG A 71 -26.31 -17.32 6.92
C ARG A 71 -25.28 -17.38 8.03
N TYR A 72 -25.31 -16.38 8.90
CA TYR A 72 -24.39 -16.27 10.01
C TYR A 72 -24.85 -17.00 11.24
N SER A 73 -26.16 -17.03 11.44
CA SER A 73 -26.69 -17.72 12.60
C SER A 73 -26.13 -19.13 12.54
N GLU A 74 -26.03 -19.66 11.32
CA GLU A 74 -25.53 -21.02 11.12
C GLU A 74 -24.01 -21.12 10.97
N PHE A 75 -23.28 -20.15 11.50
CA PHE A 75 -21.83 -20.19 11.44
C PHE A 75 -21.38 -20.16 12.92
N MET A 76 -21.87 -19.16 13.63
CA MET A 76 -21.55 -18.97 15.05
C MET A 76 -22.34 -19.99 15.89
N LYS A 77 -22.58 -21.13 15.28
CA LYS A 77 -23.32 -22.15 15.94
C LYS A 77 -22.81 -23.50 15.45
N LYS A 78 -22.66 -23.62 14.14
CA LYS A 78 -22.19 -24.87 13.54
C LYS A 78 -20.70 -25.10 13.72
N SER A 79 -19.91 -24.04 13.60
CA SER A 79 -18.46 -24.14 13.71
C SER A 79 -17.88 -24.80 14.97
N PHE A 80 -16.74 -25.49 14.80
CA PHE A 80 -16.01 -26.15 15.90
C PHE A 80 -14.77 -25.27 16.16
N ILE A 81 -14.92 -23.97 15.89
CA ILE A 81 -13.86 -23.01 16.07
C ILE A 81 -14.52 -21.72 16.52
N LYS A 82 -13.97 -21.10 17.56
CA LYS A 82 -14.53 -19.88 18.13
C LYS A 82 -13.74 -18.62 17.84
N GLU A 83 -14.41 -17.48 18.04
CA GLU A 83 -13.84 -16.15 17.80
C GLU A 83 -12.70 -15.82 18.78
N LEU A 84 -11.90 -14.84 18.38
CA LEU A 84 -10.79 -14.36 19.17
C LEU A 84 -11.25 -13.06 19.82
N ASP A 85 -10.86 -12.88 21.06
CA ASP A 85 -11.19 -11.68 21.78
C ASP A 85 -10.43 -10.63 20.99
N ILE A 86 -10.28 -9.43 21.55
CA ILE A 86 -9.54 -8.39 20.88
C ILE A 86 -8.08 -8.49 21.28
N GLU A 87 -7.66 -9.73 21.51
CA GLU A 87 -6.30 -10.14 21.87
C GLU A 87 -5.54 -9.31 22.90
N SER A 88 -4.20 -9.40 22.81
CA SER A 88 -3.24 -8.70 23.67
C SER A 88 -1.99 -8.40 22.82
N THR A 89 -1.70 -9.25 21.85
CA THR A 89 -0.54 -9.07 20.97
C THR A 89 -0.62 -10.00 19.75
N SER A 90 0.45 -10.07 18.96
CA SER A 90 0.46 -10.93 17.78
C SER A 90 0.66 -12.39 18.14
N ASN A 91 1.75 -12.67 18.83
CA ASN A 91 2.06 -14.02 19.22
C ASN A 91 1.45 -14.35 20.57
N PHE A 92 1.60 -15.61 20.95
CA PHE A 92 1.07 -16.12 22.20
C PHE A 92 1.83 -17.38 22.63
N LEU A 93 2.74 -17.23 23.59
CA LEU A 93 3.55 -18.35 24.09
C LEU A 93 2.76 -19.56 24.66
N PRO A 94 1.56 -19.34 25.25
CA PRO A 94 0.80 -20.49 25.78
C PRO A 94 0.10 -21.42 24.76
N SER A 95 -0.39 -22.55 25.25
CA SER A 95 -1.07 -23.55 24.44
C SER A 95 -1.75 -23.00 23.21
N MET A 96 -2.97 -22.50 23.36
CA MET A 96 -3.69 -21.98 22.22
C MET A 96 -3.02 -20.76 21.58
N GLU A 97 -2.58 -20.95 20.34
CA GLU A 97 -1.89 -19.93 19.57
C GLU A 97 -2.62 -19.56 18.28
N SER A 98 -3.95 -19.59 18.33
CA SER A 98 -4.83 -19.28 17.19
C SER A 98 -4.17 -19.29 15.83
N ILE A 99 -3.30 -18.31 15.62
CA ILE A 99 -2.56 -18.17 14.38
C ILE A 99 -1.96 -19.53 14.04
N VAL A 100 -1.78 -20.33 15.10
CA VAL A 100 -1.23 -21.68 15.04
C VAL A 100 -2.26 -22.76 15.39
N CYS A 101 -2.96 -22.60 16.52
CA CYS A 101 -3.98 -23.56 16.97
C CYS A 101 -5.38 -23.32 16.36
N SER A 102 -5.50 -23.38 15.03
CA SER A 102 -6.79 -23.14 14.38
C SER A 102 -6.93 -24.03 13.19
N LEU A 103 -5.85 -24.11 12.43
CA LEU A 103 -5.84 -24.94 11.25
C LEU A 103 -5.74 -26.33 11.81
N THR A 104 -5.08 -26.43 12.96
CA THR A 104 -4.86 -27.71 13.59
C THR A 104 -6.05 -28.63 13.77
N GLU A 105 -7.20 -28.05 14.13
CA GLU A 105 -8.43 -28.83 14.37
C GLU A 105 -9.23 -29.20 13.13
N ILE A 106 -9.31 -28.27 12.17
CA ILE A 106 -10.04 -28.51 10.92
C ILE A 106 -9.36 -29.68 10.21
N LEU A 107 -8.06 -29.81 10.38
CA LEU A 107 -7.33 -30.91 9.78
C LEU A 107 -7.92 -32.19 10.37
N LYS A 108 -8.32 -32.15 11.64
CA LYS A 108 -8.93 -33.32 12.28
C LYS A 108 -10.32 -33.52 11.67
N ASN A 109 -11.16 -32.49 11.75
CA ASN A 109 -12.51 -32.57 11.19
C ASN A 109 -12.46 -33.28 9.85
N ILE A 110 -11.79 -32.64 8.89
CA ILE A 110 -11.66 -33.20 7.54
C ILE A 110 -11.03 -34.56 7.61
N PHE A 111 -9.97 -34.71 8.42
CA PHE A 111 -9.33 -36.00 8.60
C PHE A 111 -10.52 -36.93 8.77
N GLY A 112 -11.32 -36.66 9.81
CA GLY A 112 -12.50 -37.45 10.08
C GLY A 112 -13.32 -37.64 8.83
N MET A 113 -13.76 -36.53 8.25
CA MET A 113 -14.55 -36.61 7.03
C MET A 113 -13.98 -37.61 6.02
N ARG A 114 -12.89 -37.24 5.32
CA ARG A 114 -12.26 -38.09 4.30
C ARG A 114 -12.57 -39.60 4.38
N LYS A 115 -12.49 -40.17 5.58
CA LYS A 115 -12.76 -41.60 5.72
C LYS A 115 -14.15 -41.95 5.18
N LEU A 116 -15.16 -41.21 5.62
CA LEU A 116 -16.53 -41.40 5.19
C LEU A 116 -16.64 -41.20 3.69
N ILE A 117 -15.73 -40.38 3.14
CA ILE A 117 -15.67 -40.13 1.70
C ILE A 117 -14.86 -41.27 1.14
N ASP A 118 -13.94 -41.75 1.98
CA ASP A 118 -13.04 -42.85 1.69
C ASP A 118 -13.86 -44.12 1.86
N THR A 119 -15.18 -43.96 1.77
CA THR A 119 -16.08 -45.08 1.93
C THR A 119 -17.27 -44.95 1.00
N ALA A 120 -18.04 -43.89 1.18
CA ALA A 120 -19.24 -43.66 0.36
C ALA A 120 -19.01 -43.62 -1.15
N GLY A 121 -17.76 -43.67 -1.60
CA GLY A 121 -17.49 -43.63 -3.02
C GLY A 121 -17.69 -42.25 -3.60
N ASP A 122 -17.04 -41.23 -3.02
CA ASP A 122 -17.12 -39.85 -3.51
C ASP A 122 -15.68 -39.38 -3.72
N TYR A 123 -15.00 -40.02 -4.67
CA TYR A 123 -13.63 -39.69 -4.99
C TYR A 123 -13.51 -38.22 -5.35
N GLY A 124 -14.59 -37.64 -5.87
CA GLY A 124 -14.56 -36.24 -6.27
C GLY A 124 -14.47 -35.32 -5.07
N THR A 125 -15.11 -35.72 -3.98
CA THR A 125 -15.12 -34.95 -2.77
C THR A 125 -13.74 -34.99 -2.12
N ALA A 126 -13.26 -36.20 -1.89
CA ALA A 126 -11.96 -36.39 -1.29
C ALA A 126 -10.85 -35.78 -2.13
N ASN A 127 -10.99 -35.80 -3.45
CA ASN A 127 -9.94 -35.24 -4.33
C ASN A 127 -9.63 -33.79 -4.00
N ILE A 128 -10.65 -33.07 -3.58
CA ILE A 128 -10.46 -31.68 -3.24
C ILE A 128 -10.41 -31.53 -1.73
N MET A 129 -11.18 -32.35 -1.03
CA MET A 129 -11.13 -32.24 0.41
C MET A 129 -9.70 -32.48 0.83
N ASP A 130 -9.18 -33.66 0.47
CA ASP A 130 -7.81 -34.00 0.79
C ASP A 130 -6.82 -33.14 -0.01
N ASP A 131 -7.35 -32.23 -0.83
CA ASP A 131 -6.51 -31.33 -1.60
C ASP A 131 -6.22 -30.19 -0.63
N ILE A 132 -7.17 -29.95 0.28
CA ILE A 132 -7.09 -28.88 1.26
C ILE A 132 -6.20 -29.17 2.45
N MET A 133 -6.11 -30.44 2.81
CA MET A 133 -5.28 -30.79 3.94
C MET A 133 -3.85 -30.50 3.58
N SER A 134 -3.46 -30.80 2.33
CA SER A 134 -2.11 -30.50 1.91
C SER A 134 -2.02 -28.98 2.07
N ASP A 135 -3.03 -28.30 1.51
CA ASP A 135 -3.18 -26.83 1.56
C ASP A 135 -2.88 -26.43 2.99
N LEU A 136 -3.87 -26.60 3.85
CA LEU A 136 -3.75 -26.24 5.24
C LEU A 136 -2.59 -26.88 5.98
N GLU A 137 -2.13 -28.07 5.61
CA GLU A 137 -1.02 -28.61 6.37
C GLU A 137 0.24 -27.73 6.37
N LYS A 138 0.63 -27.16 5.24
CA LYS A 138 1.82 -26.29 5.19
C LYS A 138 1.68 -25.03 6.02
N HIS A 139 0.46 -24.52 6.10
CA HIS A 139 0.21 -23.30 6.83
C HIS A 139 0.28 -23.58 8.32
N LEU A 140 0.27 -24.86 8.67
CA LEU A 140 0.37 -25.30 10.06
C LEU A 140 1.88 -25.28 10.29
N TRP A 141 2.57 -26.12 9.51
CA TRP A 141 4.01 -26.19 9.58
C TRP A 141 4.62 -24.80 9.67
N MET A 142 4.35 -23.97 8.66
CA MET A 142 4.91 -22.62 8.63
C MET A 142 4.70 -21.93 9.96
N HIS A 143 3.49 -21.92 10.49
CA HIS A 143 3.29 -21.22 11.73
C HIS A 143 4.04 -21.75 12.94
N LYS A 144 3.86 -23.02 13.26
CA LYS A 144 4.55 -23.61 14.42
C LYS A 144 6.05 -23.56 14.22
N ALA A 145 6.49 -22.78 13.25
CA ALA A 145 7.90 -22.64 12.96
C ALA A 145 8.26 -21.22 13.35
N LEU A 146 7.22 -20.44 13.62
CA LEU A 146 7.40 -19.05 14.03
C LEU A 146 7.68 -19.11 15.53
N LEU A 147 7.34 -20.25 16.12
CA LEU A 147 7.50 -20.51 17.56
C LEU A 147 8.50 -21.63 17.75
N GLU A 148 8.03 -22.87 17.61
CA GLU A 148 8.88 -24.05 17.76
C GLU A 148 8.19 -25.33 17.24
N ASN A 149 9.02 -26.28 16.77
CA ASN A 149 8.54 -27.56 16.23
C ASN A 149 7.53 -28.32 17.14
N CYS A 150 7.91 -29.52 17.59
CA CYS A 150 7.11 -30.42 18.46
C CYS A 150 6.32 -31.41 17.59
N ASP A 151 5.06 -31.69 17.96
CA ASP A 151 4.20 -32.63 17.22
C ASP A 151 4.92 -33.32 16.04
N ASP B 1 -7.91 11.85 22.17
CA ASP B 1 -9.18 11.16 22.54
C ASP B 1 -10.27 11.38 21.48
N ASP B 2 -10.33 12.63 20.99
CA ASP B 2 -11.27 13.12 19.96
C ASP B 2 -11.49 12.12 18.80
N LEU B 3 -12.40 12.44 17.88
CA LEU B 3 -12.69 11.60 16.70
C LEU B 3 -13.40 10.26 16.93
N ASP B 4 -14.47 10.28 17.71
CA ASP B 4 -15.23 9.06 17.96
C ASP B 4 -16.43 9.18 17.04
N ALA B 5 -16.75 10.44 16.75
CA ALA B 5 -17.84 10.86 15.90
C ALA B 5 -18.07 9.88 14.77
N ILE B 6 -17.55 10.24 13.60
CA ILE B 6 -17.65 9.45 12.40
C ILE B 6 -16.97 8.08 12.52
N GLN B 7 -16.19 7.89 13.60
CA GLN B 7 -15.50 6.63 13.79
C GLN B 7 -16.44 5.51 14.20
N LEU B 8 -17.31 5.81 15.15
CA LEU B 8 -18.25 4.81 15.61
C LEU B 8 -19.19 4.47 14.49
N LYS B 9 -19.29 5.33 13.50
CA LYS B 9 -20.18 5.05 12.38
C LYS B 9 -19.55 4.15 11.34
N LEU B 10 -18.23 4.12 11.31
CA LEU B 10 -17.52 3.26 10.36
C LEU B 10 -17.94 1.82 10.64
N GLN B 11 -18.04 1.51 11.93
CA GLN B 11 -18.46 0.19 12.41
C GLN B 11 -19.90 -0.04 11.90
N GLU B 12 -20.62 1.07 11.70
CA GLU B 12 -21.98 0.99 11.22
C GLU B 12 -21.97 0.40 9.81
N LEU B 13 -21.11 0.95 8.94
CA LEU B 13 -21.01 0.46 7.59
C LEU B 13 -20.17 -0.81 7.64
N LEU B 14 -19.03 -0.76 8.34
CA LEU B 14 -18.16 -1.93 8.44
C LEU B 14 -18.96 -3.19 8.74
N ALA B 15 -20.04 -3.01 9.50
CA ALA B 15 -20.92 -4.11 9.90
C ALA B 15 -21.88 -4.59 8.82
N SER B 16 -22.52 -3.63 8.15
CA SER B 16 -23.48 -3.91 7.10
C SER B 16 -22.83 -4.33 5.78
N LEU B 17 -21.52 -4.18 5.74
CA LEU B 17 -20.76 -4.53 4.54
C LEU B 17 -20.51 -6.03 4.53
N HIS B 18 -20.19 -6.60 5.68
CA HIS B 18 -19.92 -8.03 5.75
C HIS B 18 -21.20 -8.87 5.72
N ILE B 19 -22.33 -8.19 5.78
CA ILE B 19 -23.65 -8.82 5.73
C ILE B 19 -24.06 -8.87 4.27
N PHE B 20 -23.74 -7.82 3.53
CA PHE B 20 -24.05 -7.76 2.12
C PHE B 20 -23.00 -8.68 1.50
N TYR B 21 -21.90 -8.84 2.20
CA TYR B 21 -20.83 -9.69 1.70
C TYR B 21 -21.33 -11.10 1.55
N SER B 22 -21.62 -11.80 2.65
CA SER B 22 -22.09 -13.19 2.54
C SER B 22 -23.46 -13.41 1.90
N ASN B 23 -24.22 -12.34 1.73
CA ASN B 23 -25.49 -12.51 1.09
C ASN B 23 -25.09 -12.65 -0.37
N LEU B 24 -24.14 -11.81 -0.77
CA LEU B 24 -23.60 -11.83 -2.13
C LEU B 24 -23.08 -13.26 -2.46
N ARG B 25 -22.30 -13.81 -1.54
CA ARG B 25 -21.73 -15.17 -1.65
C ARG B 25 -22.87 -16.16 -1.44
N GLY B 26 -24.07 -15.64 -1.39
CA GLY B 26 -25.23 -16.47 -1.21
C GLY B 26 -25.98 -16.40 -2.53
N ILE B 27 -26.04 -15.19 -3.08
CA ILE B 27 -26.69 -14.99 -4.38
C ILE B 27 -25.87 -15.87 -5.30
N HIS B 28 -24.55 -15.69 -5.17
CA HIS B 28 -23.48 -16.37 -5.92
C HIS B 28 -23.43 -17.90 -5.81
N TRP B 29 -23.83 -18.48 -4.68
CA TRP B 29 -23.77 -19.93 -4.57
C TRP B 29 -25.05 -20.69 -4.97
N ASN B 30 -26.22 -20.13 -4.66
CA ASN B 30 -27.49 -20.80 -4.99
C ASN B 30 -28.14 -20.41 -6.33
N ILE B 31 -27.87 -19.19 -6.79
CA ILE B 31 -28.41 -18.71 -8.06
C ILE B 31 -28.75 -19.84 -9.01
N LYS B 32 -29.91 -19.73 -9.66
CA LYS B 32 -30.41 -20.67 -10.65
C LYS B 32 -31.39 -19.93 -11.56
N ASP B 33 -30.84 -19.24 -12.55
CA ASP B 33 -31.62 -18.43 -13.49
C ASP B 33 -31.08 -18.65 -14.89
N THR B 34 -31.74 -18.04 -15.85
CA THR B 34 -31.34 -18.15 -17.25
C THR B 34 -30.03 -17.39 -17.52
N ASN B 35 -29.96 -16.13 -17.10
CA ASN B 35 -28.76 -15.34 -17.28
C ASN B 35 -27.58 -16.13 -16.71
N PHE B 36 -27.84 -16.83 -15.58
CA PHE B 36 -26.85 -17.62 -14.82
C PHE B 36 -25.37 -17.25 -14.95
N PHE B 37 -24.72 -17.89 -15.92
CA PHE B 37 -23.31 -17.70 -16.23
C PHE B 37 -22.74 -16.31 -15.94
N VAL B 38 -23.45 -15.30 -16.42
CA VAL B 38 -23.11 -13.91 -16.20
C VAL B 38 -23.39 -13.49 -14.76
N ILE B 39 -24.65 -13.59 -14.36
CA ILE B 39 -25.03 -13.25 -13.02
C ILE B 39 -24.26 -14.12 -12.03
N HIS B 40 -23.42 -15.07 -12.49
CA HIS B 40 -22.66 -15.92 -11.53
C HIS B 40 -21.26 -15.33 -11.38
N LYS B 41 -20.83 -14.63 -12.43
CA LYS B 41 -19.54 -13.95 -12.50
C LYS B 41 -19.68 -12.55 -11.85
N LYS B 42 -20.74 -11.80 -12.22
CA LYS B 42 -21.00 -10.43 -11.71
C LYS B 42 -21.35 -10.28 -10.23
N THR B 43 -21.87 -11.34 -9.64
CA THR B 43 -22.19 -11.30 -8.22
C THR B 43 -20.86 -11.45 -7.51
N GLN B 44 -20.03 -12.32 -8.06
CA GLN B 44 -18.70 -12.58 -7.53
C GLN B 44 -17.88 -11.31 -7.62
N LYS B 45 -18.08 -10.63 -8.75
CA LYS B 45 -17.40 -9.38 -9.08
C LYS B 45 -17.87 -8.26 -8.15
N LEU B 46 -18.89 -8.53 -7.35
CA LEU B 46 -19.42 -7.53 -6.44
C LEU B 46 -18.86 -7.70 -5.05
N TYR B 47 -19.10 -8.89 -4.51
CA TYR B 47 -18.65 -9.24 -3.18
C TYR B 47 -17.14 -9.29 -3.14
N GLU B 48 -16.53 -9.28 -4.31
CA GLU B 48 -15.08 -9.34 -4.44
C GLU B 48 -14.56 -7.92 -4.31
N TYR B 49 -15.41 -7.01 -4.78
CA TYR B 49 -15.19 -5.57 -4.80
C TYR B 49 -15.64 -4.87 -3.52
N ILE B 50 -16.59 -5.46 -2.82
CA ILE B 50 -16.97 -4.82 -1.58
C ILE B 50 -16.13 -5.53 -0.55
N GLU B 51 -15.30 -6.47 -1.01
CA GLU B 51 -14.40 -7.19 -0.11
C GLU B 51 -13.28 -6.23 0.17
N LYS B 52 -12.82 -5.54 -0.87
CA LYS B 52 -11.74 -4.58 -0.72
C LYS B 52 -12.20 -3.33 -0.01
N ILE B 53 -13.49 -3.06 -0.06
CA ILE B 53 -14.03 -1.88 0.59
C ILE B 53 -14.16 -2.12 2.07
N ILE B 54 -14.31 -3.39 2.42
CA ILE B 54 -14.44 -3.82 3.80
C ILE B 54 -13.13 -3.75 4.56
N ASP B 55 -12.05 -4.10 3.89
CA ASP B 55 -10.75 -4.07 4.57
C ASP B 55 -10.28 -2.62 4.78
N ILE B 56 -10.32 -1.82 3.73
CA ILE B 56 -9.89 -0.46 3.86
C ILE B 56 -10.78 0.27 4.83
N VAL B 57 -12.08 0.10 4.71
CA VAL B 57 -12.97 0.77 5.62
C VAL B 57 -12.54 0.45 7.02
N ALA B 58 -12.03 -0.76 7.20
CA ALA B 58 -11.58 -1.19 8.50
C ALA B 58 -10.27 -0.49 8.88
N GLU B 59 -9.42 -0.25 7.89
CA GLU B 59 -8.13 0.40 8.07
C GLU B 59 -8.22 1.92 8.29
N ARG B 60 -9.37 2.49 8.00
CA ARG B 60 -9.56 3.92 8.25
C ARG B 60 -9.57 4.03 9.76
N SER B 61 -10.23 3.06 10.39
CA SER B 61 -10.31 3.03 11.84
C SER B 61 -8.87 3.12 12.34
N ARG B 62 -8.08 2.08 12.11
CA ARG B 62 -6.69 2.08 12.56
C ARG B 62 -5.89 3.34 12.18
N MET B 63 -6.30 4.03 11.11
CA MET B 63 -5.62 5.25 10.67
C MET B 63 -5.52 6.27 11.79
N LEU B 64 -6.68 6.52 12.38
CA LEU B 64 -6.88 7.45 13.47
C LEU B 64 -6.20 6.91 14.75
N GLY B 65 -6.89 6.01 15.46
CA GLY B 65 -6.36 5.40 16.65
C GLY B 65 -7.17 4.18 17.01
N TYR B 66 -8.38 4.13 16.48
CA TYR B 66 -9.27 3.02 16.73
C TYR B 66 -8.75 1.67 16.30
N ASP B 67 -9.24 0.67 17.03
CA ASP B 67 -8.92 -0.71 16.81
C ASP B 67 -10.13 -1.46 16.31
N SER B 68 -10.12 -1.74 15.01
CA SER B 68 -11.23 -2.42 14.36
C SER B 68 -11.70 -3.73 14.99
N GLU B 69 -12.95 -4.08 14.69
CA GLU B 69 -13.57 -5.31 15.16
C GLU B 69 -13.66 -6.27 13.98
N PHE B 70 -13.95 -7.54 14.29
CA PHE B 70 -14.09 -8.63 13.32
C PHE B 70 -15.06 -9.70 13.86
N ARG B 71 -15.58 -9.43 15.05
CA ARG B 71 -16.53 -10.33 15.67
C ARG B 71 -17.83 -10.32 14.91
N TYR B 72 -18.53 -11.45 14.95
CA TYR B 72 -19.80 -11.62 14.27
C TYR B 72 -20.97 -11.16 15.10
N SER B 73 -20.86 -11.33 16.41
CA SER B 73 -21.94 -10.92 17.30
C SER B 73 -22.20 -9.46 16.97
N GLU B 74 -21.14 -8.74 16.69
CA GLU B 74 -21.23 -7.31 16.39
C GLU B 74 -21.45 -6.97 14.92
N PHE B 75 -22.01 -7.92 14.16
CA PHE B 75 -22.30 -7.67 12.75
C PHE B 75 -23.81 -7.88 12.63
N MET B 76 -24.27 -9.05 13.09
CA MET B 76 -25.69 -9.40 13.04
C MET B 76 -26.43 -8.67 14.14
N LYS B 77 -25.94 -7.48 14.44
CA LYS B 77 -26.55 -6.69 15.48
C LYS B 77 -26.36 -5.23 15.09
N LYS B 78 -25.15 -4.88 14.70
CA LYS B 78 -24.84 -3.50 14.32
C LYS B 78 -25.40 -3.12 12.95
N SER B 79 -25.32 -4.02 12.00
CA SER B 79 -25.79 -3.77 10.64
C SER B 79 -27.22 -3.24 10.44
N PHE B 80 -27.41 -2.39 9.42
CA PHE B 80 -28.72 -1.82 9.07
C PHE B 80 -29.14 -2.57 7.78
N ILE B 81 -28.70 -3.81 7.68
CA ILE B 81 -28.98 -4.64 6.52
C ILE B 81 -29.08 -6.06 7.04
N LYS B 82 -30.14 -6.76 6.63
CA LYS B 82 -30.40 -8.11 7.09
C LYS B 82 -30.14 -9.19 6.06
N GLU B 83 -30.03 -10.42 6.56
CA GLU B 83 -29.77 -11.60 5.74
C GLU B 83 -30.92 -11.95 4.80
N LEU B 84 -30.60 -12.74 3.79
CA LEU B 84 -31.56 -13.19 2.81
C LEU B 84 -31.89 -14.63 3.16
N ASP B 85 -33.16 -14.97 3.00
CA ASP B 85 -33.61 -16.31 3.28
C ASP B 85 -32.91 -17.10 2.20
N ILE B 86 -33.33 -18.34 1.98
CA ILE B 86 -32.72 -19.16 0.96
C ILE B 86 -33.47 -18.93 -0.34
N GLU B 87 -33.94 -17.69 -0.49
CA GLU B 87 -34.66 -17.18 -1.66
C GLU B 87 -35.72 -18.07 -2.30
N SER B 88 -35.95 -17.78 -3.60
CA SER B 88 -36.90 -18.49 -4.46
C SER B 88 -36.35 -18.49 -5.90
N THR B 89 -35.59 -17.45 -6.24
CA THR B 89 -34.98 -17.34 -7.56
C THR B 89 -33.91 -16.23 -7.59
N SER B 90 -33.40 -15.90 -8.78
CA SER B 90 -32.38 -14.85 -8.90
C SER B 90 -32.97 -13.46 -8.76
N ASN B 91 -33.92 -13.15 -9.63
CA ASN B 91 -34.54 -11.85 -9.60
C ASN B 91 -35.74 -11.84 -8.69
N PHE B 92 -36.32 -10.65 -8.56
CA PHE B 92 -37.48 -10.42 -7.70
C PHE B 92 -38.23 -9.16 -8.14
N LEU B 93 -39.35 -9.35 -8.84
CA LEU B 93 -40.16 -8.23 -9.33
C LEU B 93 -40.68 -7.24 -8.25
N PRO B 94 -40.93 -7.71 -6.99
CA PRO B 94 -41.43 -6.76 -5.96
C PRO B 94 -40.41 -5.78 -5.36
N SER B 95 -40.92 -4.81 -4.59
CA SER B 95 -40.09 -3.78 -3.96
C SER B 95 -38.67 -4.22 -3.63
N MET B 96 -38.47 -4.91 -2.52
CA MET B 96 -37.12 -5.32 -2.16
C MET B 96 -36.51 -6.32 -3.14
N GLU B 97 -35.44 -5.88 -3.79
CA GLU B 97 -34.72 -6.65 -4.79
C GLU B 97 -33.27 -6.89 -4.42
N SER B 98 -33.02 -7.05 -3.12
CA SER B 98 -31.69 -7.29 -2.55
C SER B 98 -30.52 -6.96 -3.48
N ILE B 99 -30.40 -7.77 -4.51
CA ILE B 99 -29.37 -7.61 -5.52
C ILE B 99 -29.36 -6.14 -5.95
N VAL B 100 -30.51 -5.52 -5.76
CA VAL B 100 -30.77 -4.12 -6.10
C VAL B 100 -30.99 -3.26 -4.84
N CYS B 101 -31.90 -3.69 -3.96
CA CYS B 101 -32.21 -2.97 -2.72
C CYS B 101 -31.26 -3.29 -1.55
N SER B 102 -29.98 -3.01 -1.70
CA SER B 102 -29.01 -3.32 -0.64
C SER B 102 -27.95 -2.27 -0.59
N LEU B 103 -27.49 -1.92 -1.78
CA LEU B 103 -26.47 -0.92 -1.92
C LEU B 103 -27.19 0.37 -1.66
N THR B 104 -28.47 0.37 -2.03
CA THR B 104 -29.31 1.53 -1.90
C THR B 104 -29.31 2.25 -0.56
N GLU B 105 -29.33 1.49 0.53
CA GLU B 105 -29.37 2.04 1.90
C GLU B 105 -28.03 2.51 2.47
N ILE B 106 -26.96 1.75 2.20
CA ILE B 106 -25.63 2.10 2.67
C ILE B 106 -25.24 3.45 2.06
N LEU B 107 -25.73 3.71 0.84
CA LEU B 107 -25.46 4.97 0.21
C LEU B 107 -26.05 6.05 1.10
N LYS B 108 -27.18 5.75 1.74
CA LYS B 108 -27.80 6.71 2.66
C LYS B 108 -26.92 6.83 3.90
N ASN B 109 -26.67 5.70 4.55
CA ASN B 109 -25.83 5.69 5.74
C ASN B 109 -24.63 6.60 5.54
N ILE B 110 -23.78 6.22 4.58
CA ILE B 110 -22.59 6.99 4.27
C ILE B 110 -22.97 8.41 3.90
N PHE B 111 -24.00 8.56 3.08
CA PHE B 111 -24.50 9.89 2.70
C PHE B 111 -24.51 10.61 4.04
N GLY B 112 -25.30 10.08 4.98
CA GLY B 112 -25.40 10.65 6.31
C GLY B 112 -24.01 10.91 6.87
N MET B 113 -23.20 9.87 6.99
CA MET B 113 -21.86 10.04 7.51
C MET B 113 -21.16 11.26 6.91
N ARG B 114 -20.70 11.15 5.66
CA ARG B 114 -19.98 12.24 4.96
C ARG B 114 -20.17 13.65 5.54
N LYS B 115 -21.42 14.03 5.81
CA LYS B 115 -21.68 15.37 6.34
C LYS B 115 -20.87 15.62 7.60
N LEU B 116 -20.97 14.69 8.55
CA LEU B 116 -20.26 14.76 9.82
C LEU B 116 -18.76 14.81 9.58
N ILE B 117 -18.34 14.21 8.46
CA ILE B 117 -16.93 14.21 8.06
C ILE B 117 -16.72 15.53 7.34
N ASP B 118 -17.81 15.97 6.71
CA ASP B 118 -17.88 17.22 5.96
C ASP B 118 -18.02 18.32 7.00
N THR B 119 -17.61 18.01 8.22
CA THR B 119 -17.69 18.96 9.31
C THR B 119 -16.50 18.83 10.23
N ALA B 120 -16.36 17.66 10.84
CA ALA B 120 -15.26 17.42 11.78
C ALA B 120 -13.85 17.65 11.23
N GLY B 121 -13.72 17.94 9.94
CA GLY B 121 -12.41 18.16 9.37
C GLY B 121 -11.60 16.88 9.22
N ASP B 122 -12.18 15.89 8.55
CA ASP B 122 -11.51 14.61 8.29
C ASP B 122 -11.58 14.37 6.78
N TYR B 123 -10.92 15.23 6.03
CA TYR B 123 -10.91 15.13 4.58
C TYR B 123 -10.38 13.78 4.15
N GLY B 124 -9.56 13.16 5.00
CA GLY B 124 -9.00 11.86 4.66
C GLY B 124 -10.05 10.77 4.66
N THR B 125 -11.00 10.90 5.59
CA THR B 125 -12.07 9.94 5.73
C THR B 125 -13.02 10.05 4.53
N ALA B 126 -13.51 11.26 4.32
CA ALA B 126 -14.40 11.53 3.23
C ALA B 126 -13.78 11.22 1.88
N ASN B 127 -12.48 11.42 1.72
CA ASN B 127 -11.80 11.17 0.44
C ASN B 127 -12.00 9.73 -0.02
N ILE B 128 -12.09 8.82 0.93
CA ILE B 128 -12.29 7.45 0.59
C ILE B 128 -13.73 7.05 0.84
N MET B 129 -14.34 7.63 1.86
CA MET B 129 -15.73 7.29 2.11
C MET B 129 -16.48 7.65 0.84
N ASP B 130 -16.42 8.92 0.47
CA ASP B 130 -17.08 9.38 -0.74
C ASP B 130 -16.42 8.80 -1.99
N ASP B 131 -15.39 7.98 -1.81
CA ASP B 131 -14.75 7.35 -2.95
C ASP B 131 -15.60 6.11 -3.21
N ILE B 132 -16.21 5.60 -2.13
CA ILE B 132 -17.04 4.41 -2.18
C ILE B 132 -18.43 4.61 -2.73
N MET B 133 -18.96 5.80 -2.52
CA MET B 133 -20.29 6.07 -3.02
C MET B 133 -20.24 6.03 -4.52
N SER B 134 -19.17 6.57 -5.10
CA SER B 134 -19.03 6.53 -6.55
C SER B 134 -19.00 5.03 -6.86
N ASP B 135 -18.15 4.33 -6.11
CA ASP B 135 -17.97 2.87 -6.19
C ASP B 135 -19.37 2.28 -6.27
N LEU B 136 -19.99 2.17 -5.11
CA LEU B 136 -21.30 1.61 -5.00
C LEU B 136 -22.38 2.27 -5.85
N GLU B 137 -22.28 3.56 -6.16
CA GLU B 137 -23.35 4.11 -6.97
C GLU B 137 -23.52 3.41 -8.32
N LYS B 138 -22.44 3.10 -9.03
CA LYS B 138 -22.56 2.42 -10.33
C LYS B 138 -23.16 1.02 -10.23
N HIS B 139 -22.89 0.34 -9.12
CA HIS B 139 -23.37 -1.00 -8.92
C HIS B 139 -24.86 -0.96 -8.63
N LEU B 140 -25.38 0.24 -8.35
CA LEU B 140 -26.79 0.43 -8.08
C LEU B 140 -27.36 0.59 -9.49
N TRP B 141 -26.88 1.61 -10.17
CA TRP B 141 -27.29 1.87 -11.53
C TRP B 141 -27.35 0.58 -12.33
N MET B 142 -26.21 -0.10 -12.43
CA MET B 142 -26.13 -1.34 -13.20
C MET B 142 -27.27 -2.27 -12.85
N HIS B 143 -27.49 -2.52 -11.57
CA HIS B 143 -28.55 -3.43 -11.22
C HIS B 143 -29.97 -3.03 -11.59
N LYS B 144 -30.41 -1.86 -11.14
CA LYS B 144 -31.77 -1.39 -11.47
C LYS B 144 -31.91 -1.20 -12.97
N ALA B 145 -30.97 -1.75 -13.74
CA ALA B 145 -31.01 -1.65 -15.18
C ALA B 145 -31.27 -3.05 -15.67
N LEU B 146 -31.19 -3.99 -14.74
CA LEU B 146 -31.45 -5.39 -15.05
C LEU B 146 -32.96 -5.55 -15.01
N LEU B 147 -33.61 -4.56 -14.37
CA LEU B 147 -35.05 -4.52 -14.18
C LEU B 147 -35.63 -3.32 -14.91
N GLU B 148 -35.54 -2.15 -14.27
CA GLU B 148 -36.03 -0.91 -14.87
C GLU B 148 -35.54 0.33 -14.11
N ASN B 149 -35.39 1.44 -14.85
CA ASN B 149 -34.93 2.72 -14.29
C ASN B 149 -35.68 3.18 -13.01
N CYS B 150 -36.35 4.35 -13.08
CA CYS B 150 -37.11 4.98 -11.97
C CYS B 150 -36.22 5.99 -11.23
N ASP B 151 -36.32 6.03 -9.90
CA ASP B 151 -35.53 6.94 -9.06
C ASP B 151 -34.64 7.90 -9.89
N ASP C 1 -2.84 36.87 -12.16
CA ASP C 1 -1.81 37.12 -11.09
C ASP C 1 -2.15 36.33 -9.82
N ASP C 2 -3.45 36.28 -9.50
CA ASP C 2 -4.07 35.58 -8.37
C ASP C 2 -3.47 34.19 -8.08
N LEU C 3 -3.91 33.53 -7.00
CA LEU C 3 -3.46 32.19 -6.65
C LEU C 3 -2.01 32.01 -6.17
N ASP C 4 -1.58 32.85 -5.25
CA ASP C 4 -0.23 32.75 -4.71
C ASP C 4 -0.41 32.05 -3.38
N ALA C 5 -1.62 32.26 -2.85
CA ALA C 5 -2.07 31.71 -1.58
C ALA C 5 -1.47 30.34 -1.31
N ILE C 6 -2.29 29.32 -1.60
CA ILE C 6 -1.91 27.93 -1.41
C ILE C 6 -0.72 27.52 -2.30
N GLN C 7 -0.35 28.38 -3.24
CA GLN C 7 0.77 28.05 -4.12
C GLN C 7 2.11 28.15 -3.43
N LEU C 8 2.29 29.23 -2.69
CA LEU C 8 3.53 29.44 -1.99
C LEU C 8 3.67 28.36 -0.92
N LYS C 9 2.56 27.73 -0.56
CA LYS C 9 2.64 26.70 0.46
C LYS C 9 3.03 25.35 -0.11
N LEU C 10 2.81 25.16 -1.41
CA LEU C 10 3.16 23.89 -2.05
C LEU C 10 4.67 23.72 -1.88
N GLN C 11 5.38 24.83 -2.03
CA GLN C 11 6.83 24.88 -1.87
C GLN C 11 7.15 24.48 -0.42
N GLU C 12 6.21 24.74 0.47
CA GLU C 12 6.37 24.41 1.87
C GLU C 12 6.46 22.88 2.00
N LEU C 13 5.52 22.18 1.38
CA LEU C 13 5.52 20.73 1.43
C LEU C 13 6.56 20.26 0.43
N LEU C 14 6.54 20.81 -0.79
CA LEU C 14 7.49 20.42 -1.82
C LEU C 14 8.91 20.36 -1.26
N ALA C 15 9.19 21.23 -0.28
CA ALA C 15 10.49 21.32 0.36
C ALA C 15 10.76 20.24 1.39
N SER C 16 9.78 20.01 2.25
CA SER C 16 9.88 19.04 3.33
C SER C 16 9.74 17.60 2.84
N LEU C 17 9.35 17.47 1.58
CA LEU C 17 9.15 16.17 0.98
C LEU C 17 10.49 15.60 0.54
N HIS C 18 11.33 16.45 -0.05
CA HIS C 18 12.64 16.01 -0.51
C HIS C 18 13.63 15.81 0.63
N ILE C 19 13.22 16.23 1.82
CA ILE C 19 14.03 16.12 3.02
C ILE C 19 13.70 14.77 3.66
N PHE C 20 12.43 14.41 3.60
CA PHE C 20 11.97 13.14 4.15
C PHE C 20 12.43 12.14 3.10
N TYR C 21 12.59 12.63 1.88
CA TYR C 21 13.04 11.78 0.81
C TYR C 21 14.40 11.21 1.13
N SER C 22 15.45 12.02 1.15
CA SER C 22 16.79 11.49 1.43
C SER C 22 17.05 10.97 2.84
N ASN C 23 16.15 11.24 3.76
CA ASN C 23 16.33 10.71 5.09
C ASN C 23 15.92 9.26 4.91
N LEU C 24 14.84 9.06 4.15
CA LEU C 24 14.32 7.73 3.85
C LEU C 24 15.46 6.88 3.21
N ARG C 25 16.11 7.45 2.20
CA ARG C 25 17.24 6.83 1.48
C ARG C 25 18.43 6.82 2.43
N GLY C 26 18.18 7.18 3.67
CA GLY C 26 19.22 7.19 4.66
C GLY C 26 18.88 6.07 5.62
N ILE C 27 17.58 5.98 5.93
CA ILE C 27 17.08 4.92 6.80
C ILE C 27 17.46 3.66 6.03
N HIS C 28 17.09 3.69 4.75
CA HIS C 28 17.31 2.66 3.73
C HIS C 28 18.76 2.21 3.45
N TRP C 29 19.71 3.13 3.58
CA TRP C 29 21.09 2.73 3.31
C TRP C 29 21.92 2.23 4.52
N ASN C 30 21.72 2.83 5.70
CA ASN C 30 22.46 2.43 6.91
C ASN C 30 21.79 1.37 7.80
N ILE C 31 20.46 1.33 7.79
CA ILE C 31 19.72 0.37 8.58
C ILE C 31 20.52 -0.87 8.90
N LYS C 32 20.42 -1.30 10.16
CA LYS C 32 21.08 -2.51 10.67
C LYS C 32 20.28 -2.99 11.87
N ASP C 33 19.21 -3.74 11.58
CA ASP C 33 18.29 -4.27 12.60
C ASP C 33 17.96 -5.71 12.25
N THR C 34 17.20 -6.34 13.13
CA THR C 34 16.78 -7.72 12.95
C THR C 34 15.75 -7.86 11.82
N ASN C 35 14.71 -7.04 11.86
CA ASN C 35 13.69 -7.09 10.82
C ASN C 35 14.40 -6.93 9.47
N PHE C 36 15.44 -6.09 9.44
CA PHE C 36 16.25 -5.75 8.26
C PHE C 36 15.60 -5.91 6.88
N PHE C 37 15.75 -7.09 6.31
CA PHE C 37 15.22 -7.46 4.99
C PHE C 37 13.93 -6.78 4.58
N VAL C 38 12.95 -6.80 5.50
CA VAL C 38 11.67 -6.17 5.30
C VAL C 38 11.81 -4.65 5.42
N ILE C 39 12.25 -4.19 6.58
CA ILE C 39 12.43 -2.78 6.80
C ILE C 39 13.42 -2.23 5.77
N HIS C 40 13.99 -3.06 4.89
CA HIS C 40 14.94 -2.55 3.85
C HIS C 40 14.19 -2.34 2.55
N LYS C 41 13.13 -3.14 2.39
CA LYS C 41 12.25 -3.09 1.22
C LYS C 41 11.18 -2.00 1.47
N LYS C 42 10.57 -1.98 2.66
CA LYS C 42 9.50 -1.00 3.03
C LYS C 42 9.89 0.47 3.13
N THR C 43 11.15 0.71 3.40
CA THR C 43 11.62 2.08 3.50
C THR C 43 11.75 2.55 2.07
N GLN C 44 12.24 1.66 1.22
CA GLN C 44 12.41 1.91 -0.19
C GLN C 44 11.05 2.18 -0.80
N LYS C 45 10.09 1.37 -0.34
CA LYS C 45 8.70 1.43 -0.77
C LYS C 45 8.05 2.75 -0.33
N LEU C 46 8.73 3.49 0.53
CA LEU C 46 8.18 4.75 1.02
C LEU C 46 8.69 5.93 0.23
N TYR C 47 10.01 6.05 0.23
CA TYR C 47 10.67 7.12 -0.47
C TYR C 47 10.46 6.99 -1.96
N GLU C 48 9.98 5.83 -2.38
CA GLU C 48 9.72 5.54 -3.78
C GLU C 48 8.35 6.08 -4.11
N TYR C 49 7.52 6.06 -3.08
CA TYR C 49 6.13 6.50 -3.09
C TYR C 49 5.97 7.96 -2.76
N ILE C 50 6.91 8.52 -2.02
CA ILE C 50 6.79 9.92 -1.76
C ILE C 50 7.63 10.56 -2.86
N GLU C 51 8.20 9.71 -3.70
CA GLU C 51 8.99 10.20 -4.82
C GLU C 51 7.99 10.69 -5.83
N LYS C 52 6.94 9.91 -6.01
CA LYS C 52 5.88 10.26 -6.96
C LYS C 52 5.03 11.41 -6.47
N ILE C 53 5.00 11.59 -5.16
CA ILE C 53 4.21 12.66 -4.57
C ILE C 53 4.92 13.97 -4.73
N ILE C 54 6.24 13.89 -4.80
CA ILE C 54 7.09 15.05 -4.97
C ILE C 54 7.05 15.65 -6.37
N ASP C 55 6.98 14.79 -7.38
CA ASP C 55 6.93 15.30 -8.74
C ASP C 55 5.56 15.94 -9.04
N ILE C 56 4.50 15.24 -8.70
CA ILE C 56 3.19 15.77 -8.96
C ILE C 56 2.98 17.02 -8.16
N VAL C 57 3.34 16.98 -6.89
CA VAL C 57 3.17 18.17 -6.08
C VAL C 57 3.82 19.32 -6.78
N ALA C 58 4.92 19.03 -7.47
CA ALA C 58 5.64 20.06 -8.19
C ALA C 58 4.86 20.50 -9.42
N GLU C 59 4.17 19.55 -10.04
CA GLU C 59 3.39 19.82 -11.25
C GLU C 59 2.06 20.53 -10.99
N ARG C 60 1.64 20.57 -9.74
CA ARG C 60 0.45 21.30 -9.39
C ARG C 60 0.83 22.75 -9.62
N SER C 61 2.03 23.11 -9.20
CA SER C 61 2.53 24.45 -9.37
C SER C 61 2.36 24.79 -10.85
N ARG C 62 3.10 24.12 -11.72
CA ARG C 62 3.01 24.39 -13.15
C ARG C 62 1.57 24.39 -13.70
N MET C 63 0.67 23.68 -13.03
CA MET C 63 -0.74 23.62 -13.45
C MET C 63 -1.35 25.00 -13.60
N LEU C 64 -1.17 25.76 -12.53
CA LEU C 64 -1.67 27.13 -12.39
C LEU C 64 -0.87 28.07 -13.33
N GLY C 65 0.31 28.48 -12.88
CA GLY C 65 1.16 29.36 -13.68
C GLY C 65 2.56 29.34 -13.12
N TYR C 66 2.65 28.95 -11.85
CA TYR C 66 3.94 28.91 -11.18
C TYR C 66 4.96 28.00 -11.79
N ASP C 67 6.21 28.39 -11.56
CA ASP C 67 7.36 27.66 -12.02
C ASP C 67 8.11 27.07 -10.86
N SER C 68 7.95 25.77 -10.70
CA SER C 68 8.59 25.05 -9.61
C SER C 68 10.09 25.24 -9.43
N GLU C 69 10.55 24.97 -8.21
CA GLU C 69 11.95 25.06 -7.85
C GLU C 69 12.48 23.64 -7.70
N PHE C 70 13.81 23.53 -7.64
CA PHE C 70 14.54 22.26 -7.51
C PHE C 70 15.89 22.50 -6.79
N ARG C 71 16.12 23.76 -6.43
CA ARG C 71 17.32 24.12 -5.72
C ARG C 71 17.30 23.56 -4.31
N TYR C 72 18.50 23.29 -3.79
CA TYR C 72 18.65 22.73 -2.46
C TYR C 72 18.70 23.78 -1.39
N SER C 73 19.27 24.94 -1.73
CA SER C 73 19.35 26.01 -0.76
C SER C 73 17.95 26.24 -0.25
N GLU C 74 16.98 26.12 -1.16
CA GLU C 74 15.59 26.33 -0.82
C GLU C 74 14.85 25.09 -0.33
N PHE C 75 15.58 24.12 0.21
CA PHE C 75 14.96 22.91 0.76
C PHE C 75 15.39 22.90 2.22
N MET C 76 16.71 22.97 2.43
CA MET C 76 17.27 22.96 3.78
C MET C 76 17.07 24.32 4.44
N LYS C 77 15.98 24.96 4.08
CA LYS C 77 15.68 26.25 4.60
C LYS C 77 14.17 26.36 4.70
N LYS C 78 13.50 26.00 3.61
CA LYS C 78 12.04 26.09 3.56
C LYS C 78 11.34 24.98 4.37
N SER C 79 11.88 23.78 4.33
CA SER C 79 11.29 22.64 5.03
C SER C 79 10.99 22.80 6.53
N PHE C 80 9.91 22.15 7.00
CA PHE C 80 9.52 22.15 8.42
C PHE C 80 9.87 20.75 8.93
N ILE C 81 10.91 20.17 8.34
CA ILE C 81 11.36 18.83 8.69
C ILE C 81 12.87 18.86 8.51
N LYS C 82 13.57 18.34 9.51
CA LYS C 82 15.03 18.33 9.53
C LYS C 82 15.66 16.97 9.29
N GLU C 83 16.95 16.99 8.94
CA GLU C 83 17.75 15.80 8.65
C GLU C 83 17.97 14.94 9.87
N LEU C 84 18.32 13.69 9.61
CA LEU C 84 18.61 12.73 10.65
C LEU C 84 20.12 12.61 10.73
N ASP C 85 20.61 12.48 11.95
CA ASP C 85 22.02 12.32 12.15
C ASP C 85 22.28 10.97 11.54
N ILE C 86 23.44 10.39 11.83
CA ILE C 86 23.75 9.09 11.27
C ILE C 86 23.26 8.02 12.23
N GLU C 87 22.16 8.36 12.89
CA GLU C 87 21.46 7.50 13.86
C GLU C 87 22.27 6.72 14.88
N SER C 88 21.64 5.63 15.35
CA SER C 88 22.19 4.68 16.33
C SER C 88 21.63 3.29 16.01
N THR C 89 20.42 3.25 15.46
CA THR C 89 19.78 1.98 15.09
C THR C 89 18.55 2.23 14.20
N SER C 90 17.77 1.18 13.95
CA SER C 90 16.59 1.31 13.11
C SER C 90 15.43 1.96 13.87
N ASN C 91 15.04 1.35 14.98
CA ASN C 91 13.95 1.88 15.77
C ASN C 91 14.44 2.87 16.79
N PHE C 92 13.47 3.47 17.48
CA PHE C 92 13.74 4.46 18.50
C PHE C 92 12.57 4.57 19.48
N LEU C 93 12.73 3.98 20.65
CA LEU C 93 11.69 3.99 21.69
C LEU C 93 11.20 5.39 22.14
N PRO C 94 12.08 6.43 22.14
CA PRO C 94 11.62 7.77 22.57
C PRO C 94 10.70 8.56 21.60
N SER C 95 10.15 9.66 22.12
CA SER C 95 9.24 10.53 21.36
C SER C 95 9.48 10.52 19.86
N MET C 96 10.45 11.30 19.39
CA MET C 96 10.70 11.35 17.97
C MET C 96 11.21 10.03 17.39
N GLU C 97 10.40 9.47 16.50
CA GLU C 97 10.67 8.20 15.85
C GLU C 97 10.75 8.31 14.34
N SER C 98 11.26 9.45 13.86
CA SER C 98 11.43 9.75 12.44
C SER C 98 10.62 8.88 11.48
N ILE C 99 11.01 7.62 11.43
CA ILE C 99 10.36 6.63 10.59
C ILE C 99 8.86 6.72 10.84
N VAL C 100 8.54 7.24 12.03
CA VAL C 100 7.17 7.43 12.52
C VAL C 100 6.82 8.91 12.67
N CYS C 101 7.67 9.68 13.35
CA CYS C 101 7.44 11.12 13.56
C CYS C 101 7.94 12.02 12.42
N SER C 102 7.41 11.84 11.22
CA SER C 102 7.84 12.64 10.07
C SER C 102 6.69 12.91 9.15
N LEU C 103 5.92 11.86 8.92
CA LEU C 103 4.76 11.96 8.07
C LEU C 103 3.78 12.72 8.93
N THR C 104 3.89 12.51 10.23
CA THR C 104 2.99 13.11 11.19
C THR C 104 2.75 14.61 11.08
N GLU C 105 3.82 15.36 10.81
CA GLU C 105 3.75 16.82 10.72
C GLU C 105 3.26 17.37 9.38
N ILE C 106 3.68 16.73 8.29
CA ILE C 106 3.26 17.17 6.96
C ILE C 106 1.74 17.01 6.85
N LEU C 107 1.20 16.04 7.56
CA LEU C 107 -0.23 15.83 7.57
C LEU C 107 -0.84 17.10 8.16
N LYS C 108 -0.15 17.72 9.11
CA LYS C 108 -0.63 18.97 9.71
C LYS C 108 -0.52 20.08 8.66
N ASN C 109 0.69 20.28 8.15
CA ASN C 109 0.93 21.29 7.14
C ASN C 109 -0.20 21.28 6.12
N ILE C 110 -0.31 20.18 5.38
CA ILE C 110 -1.34 20.03 4.37
C ILE C 110 -2.71 20.20 4.99
N PHE C 111 -2.92 19.59 6.17
CA PHE C 111 -4.18 19.75 6.87
C PHE C 111 -4.42 21.24 6.78
N GLY C 112 -3.49 22.02 7.34
CA GLY C 112 -3.59 23.47 7.29
C GLY C 112 -3.90 23.93 5.89
N MET C 113 -3.03 23.60 4.94
CA MET C 113 -3.26 24.00 3.56
C MET C 113 -4.71 23.80 3.15
N ARG C 114 -5.10 22.53 2.88
CA ARG C 114 -6.46 22.19 2.43
C ARG C 114 -7.55 23.22 2.72
N LYS C 115 -7.61 23.73 3.95
CA LYS C 115 -8.64 24.71 4.30
C LYS C 115 -8.61 25.90 3.33
N LEU C 116 -7.43 26.47 3.16
CA LEU C 116 -7.22 27.61 2.27
C LEU C 116 -7.61 27.23 0.85
N ILE C 117 -7.49 25.95 0.54
CA ILE C 117 -7.86 25.42 -0.77
C ILE C 117 -9.35 25.18 -0.69
N ASP C 118 -9.76 24.86 0.54
CA ASP C 118 -11.14 24.59 0.89
C ASP C 118 -11.83 25.95 1.01
N THR C 119 -11.22 26.95 0.38
CA THR C 119 -11.77 28.29 0.42
C THR C 119 -11.56 28.97 -0.92
N ALA C 120 -10.31 29.13 -1.32
CA ALA C 120 -9.98 29.81 -2.56
C ALA C 120 -10.63 29.24 -3.83
N GLY C 121 -11.32 28.11 -3.70
CA GLY C 121 -11.94 27.52 -4.88
C GLY C 121 -10.94 26.86 -5.81
N ASP C 122 -10.13 25.95 -5.27
CA ASP C 122 -9.14 25.22 -6.06
C ASP C 122 -9.38 23.73 -5.77
N TYR C 123 -10.53 23.26 -6.19
CA TYR C 123 -10.93 21.87 -6.00
C TYR C 123 -9.90 20.94 -6.63
N GLY C 124 -9.20 21.43 -7.65
CA GLY C 124 -8.20 20.61 -8.30
C GLY C 124 -6.98 20.36 -7.43
N THR C 125 -6.64 21.37 -6.62
CA THR C 125 -5.51 21.28 -5.72
C THR C 125 -5.83 20.31 -4.60
N ALA C 126 -6.94 20.57 -3.92
CA ALA C 126 -7.38 19.74 -2.83
C ALA C 126 -7.63 18.31 -3.25
N ASN C 127 -8.11 18.08 -4.48
CA ASN C 127 -8.40 16.73 -4.95
C ASN C 127 -7.17 15.83 -4.88
N ILE C 128 -6.00 16.42 -5.09
CA ILE C 128 -4.79 15.64 -5.04
C ILE C 128 -4.09 15.90 -3.72
N MET C 129 -4.19 17.12 -3.21
CA MET C 129 -3.53 17.39 -1.93
C MET C 129 -4.15 16.41 -0.95
N ASP C 130 -5.46 16.49 -0.79
CA ASP C 130 -6.16 15.59 0.12
C ASP C 130 -6.14 14.15 -0.39
N ASP C 131 -5.51 13.93 -1.53
CA ASP C 131 -5.40 12.60 -2.07
C ASP C 131 -4.18 12.02 -1.38
N ILE C 132 -3.25 12.91 -1.02
CA ILE C 132 -2.00 12.54 -0.37
C ILE C 132 -2.12 12.24 1.11
N MET C 133 -3.06 12.90 1.77
CA MET C 133 -3.22 12.66 3.19
C MET C 133 -3.67 11.23 3.36
N SER C 134 -4.56 10.76 2.49
CA SER C 134 -4.99 9.38 2.58
C SER C 134 -3.71 8.59 2.41
N ASP C 135 -2.98 8.94 1.35
CA ASP C 135 -1.67 8.36 0.99
C ASP C 135 -0.88 8.24 2.29
N LEU C 136 -0.30 9.35 2.70
CA LEU C 136 0.50 9.41 3.90
C LEU C 136 -0.20 8.94 5.17
N GLU C 137 -1.50 9.08 5.29
CA GLU C 137 -2.09 8.62 6.53
C GLU C 137 -1.84 7.14 6.82
N LYS C 138 -1.98 6.25 5.84
CA LYS C 138 -1.73 4.83 6.08
C LYS C 138 -0.29 4.51 6.45
N HIS C 139 0.64 5.30 5.91
CA HIS C 139 2.05 5.07 6.18
C HIS C 139 2.36 5.51 7.60
N LEU C 140 1.44 6.24 8.20
CA LEU C 140 1.58 6.71 9.57
C LEU C 140 1.11 5.50 10.38
N TRP C 141 -0.15 5.15 10.16
CA TRP C 141 -0.75 4.01 10.81
C TRP C 141 0.20 2.82 10.82
N MET C 142 0.60 2.37 9.63
CA MET C 142 1.50 1.23 9.51
C MET C 142 2.68 1.38 10.45
N HIS C 143 3.36 2.52 10.43
CA HIS C 143 4.51 2.64 11.29
C HIS C 143 4.27 2.59 12.78
N LYS C 144 3.40 3.45 13.30
CA LYS C 144 3.10 3.45 14.74
C LYS C 144 2.47 2.12 15.16
N ALA C 145 2.58 1.12 14.29
CA ALA C 145 2.03 -0.19 14.58
C ALA C 145 3.23 -1.11 14.71
N LEU C 146 4.38 -0.57 14.36
CA LEU C 146 5.63 -1.30 14.45
C LEU C 146 6.07 -1.16 15.91
N LEU C 147 5.47 -0.16 16.57
CA LEU C 147 5.76 0.18 17.98
C LEU C 147 4.51 -0.04 18.82
N GLU C 148 3.61 0.95 18.78
CA GLU C 148 2.35 0.87 19.52
C GLU C 148 1.35 1.95 19.08
N ASN C 149 0.06 1.62 19.22
CA ASN C 149 -1.04 2.54 18.84
C ASN C 149 -0.91 3.97 19.42
N CYS C 150 -1.88 4.38 20.26
CA CYS C 150 -1.95 5.72 20.91
C CYS C 150 -2.83 6.67 20.05
N ASP C 151 -2.44 7.94 19.93
CA ASP C 151 -3.19 8.94 19.15
C ASP C 151 -4.51 8.41 18.55
N ASP D 1 40.50 -2.07 8.33
CA ASP D 1 40.54 -0.59 8.33
C ASP D 1 40.74 -0.05 6.91
N ASP D 2 41.61 -0.73 6.15
CA ASP D 2 41.97 -0.44 4.75
C ASP D 2 40.78 -0.04 3.83
N LEU D 3 41.05 0.33 2.58
CA LEU D 3 40.00 0.70 1.63
C LEU D 3 39.23 2.01 1.85
N ASP D 4 39.97 3.07 2.12
CA ASP D 4 39.36 4.39 2.31
C ASP D 4 39.57 5.10 1.00
N ALA D 5 40.62 4.66 0.33
CA ALA D 5 41.06 5.15 -0.97
C ALA D 5 39.88 5.56 -1.83
N ILE D 6 39.52 4.65 -2.73
CA ILE D 6 38.42 4.83 -3.65
C ILE D 6 37.06 4.99 -2.94
N GLN D 7 37.02 4.72 -1.64
CA GLN D 7 35.78 4.83 -0.90
C GLN D 7 35.37 6.27 -0.66
N LEU D 8 36.34 7.06 -0.22
CA LEU D 8 36.05 8.45 0.05
C LEU D 8 35.69 9.14 -1.25
N LYS D 9 36.04 8.54 -2.37
CA LYS D 9 35.71 9.16 -3.63
C LYS D 9 34.31 8.83 -4.10
N LEU D 10 33.75 7.74 -3.60
CA LEU D 10 32.40 7.35 -3.97
C LEU D 10 31.47 8.49 -3.56
N GLN D 11 31.76 9.04 -2.38
CA GLN D 11 31.02 10.16 -1.81
C GLN D 11 31.17 11.35 -2.77
N GLU D 12 32.30 11.36 -3.50
CA GLU D 12 32.57 12.42 -4.45
C GLU D 12 31.53 12.35 -5.57
N LEU D 13 31.31 11.15 -6.11
CA LEU D 13 30.33 10.98 -7.17
C LEU D 13 28.97 10.93 -6.49
N LEU D 14 28.84 10.12 -5.43
CA LEU D 14 27.57 10.00 -4.72
C LEU D 14 26.94 11.38 -4.47
N ALA D 15 27.81 12.38 -4.28
CA ALA D 15 27.40 13.75 -4.01
C ALA D 15 26.93 14.52 -5.25
N SER D 16 27.72 14.41 -6.31
CA SER D 16 27.46 15.11 -7.56
C SER D 16 26.33 14.45 -8.35
N LEU D 17 25.92 13.28 -7.90
CA LEU D 17 24.87 12.53 -8.59
C LEU D 17 23.50 13.06 -8.14
N HIS D 18 23.35 13.35 -6.86
CA HIS D 18 22.10 13.86 -6.35
C HIS D 18 21.87 15.32 -6.70
N ILE D 19 22.91 15.95 -7.26
CA ILE D 19 22.86 17.35 -7.67
C ILE D 19 22.40 17.38 -9.13
N PHE D 20 22.86 16.40 -9.89
CA PHE D 20 22.49 16.29 -11.29
C PHE D 20 21.07 15.72 -11.22
N TYR D 21 20.79 15.03 -10.11
CA TYR D 21 19.49 14.46 -9.91
C TYR D 21 18.44 15.55 -9.92
N SER D 22 18.41 16.43 -8.91
CA SER D 22 17.39 17.47 -8.87
C SER D 22 17.48 18.57 -9.93
N ASN D 23 18.59 18.63 -10.64
CA ASN D 23 18.67 19.64 -11.68
C ASN D 23 17.84 19.01 -12.78
N LEU D 24 18.01 17.70 -12.95
CA LEU D 24 17.25 16.91 -13.94
C LEU D 24 15.72 17.12 -13.70
N ARG D 25 15.31 16.96 -12.44
CA ARG D 25 13.91 17.15 -12.00
C ARG D 25 13.62 18.65 -12.03
N GLY D 26 14.55 19.40 -12.58
CA GLY D 26 14.36 20.83 -12.69
C GLY D 26 14.21 21.10 -14.17
N ILE D 27 15.01 20.42 -14.97
CA ILE D 27 14.93 20.55 -16.42
C ILE D 27 13.51 20.06 -16.70
N HIS D 28 13.22 18.91 -16.11
CA HIS D 28 11.93 18.18 -16.18
C HIS D 28 10.68 18.92 -15.71
N TRP D 29 10.80 19.82 -14.74
CA TRP D 29 9.60 20.53 -14.27
C TRP D 29 9.32 21.88 -14.96
N ASN D 30 10.35 22.64 -15.29
CA ASN D 30 10.15 23.96 -15.93
C ASN D 30 10.20 23.98 -17.47
N ILE D 31 10.94 23.04 -18.05
CA ILE D 31 11.05 22.96 -19.49
C ILE D 31 9.86 23.57 -20.21
N LYS D 32 10.16 24.31 -21.27
CA LYS D 32 9.16 24.96 -22.13
C LYS D 32 9.80 25.18 -23.51
N ASP D 33 9.76 24.14 -24.33
CA ASP D 33 10.36 24.16 -25.67
C ASP D 33 9.42 23.45 -26.63
N THR D 34 9.79 23.47 -27.90
CA THR D 34 9.00 22.85 -28.95
C THR D 34 9.03 21.33 -28.84
N ASN D 35 10.23 20.74 -28.73
CA ASN D 35 10.34 19.30 -28.61
C ASN D 35 9.45 18.85 -27.44
N PHE D 36 9.41 19.68 -26.39
CA PHE D 36 8.68 19.43 -25.14
C PHE D 36 8.36 17.99 -24.75
N PHE D 37 7.20 17.53 -25.19
CA PHE D 37 6.70 16.18 -24.93
C PHE D 37 7.74 15.10 -24.78
N VAL D 38 8.68 15.08 -25.72
CA VAL D 38 9.78 14.15 -25.72
C VAL D 38 10.80 14.53 -24.65
N ILE D 39 11.37 15.71 -24.79
CA ILE D 39 12.32 16.19 -23.84
C ILE D 39 11.69 16.23 -22.45
N HIS D 40 10.39 15.90 -22.30
CA HIS D 40 9.76 15.91 -20.94
C HIS D 40 9.78 14.49 -20.39
N LYS D 41 9.78 13.53 -21.30
CA LYS D 41 9.83 12.10 -20.98
C LYS D 41 11.30 11.68 -20.79
N LYS D 42 12.19 12.09 -21.73
CA LYS D 42 13.63 11.73 -21.72
C LYS D 42 14.47 12.29 -20.57
N THR D 43 14.03 13.40 -20.01
CA THR D 43 14.75 13.99 -18.91
C THR D 43 14.40 13.13 -17.71
N GLN D 44 13.12 12.76 -17.66
CA GLN D 44 12.59 11.92 -16.60
C GLN D 44 13.30 10.58 -16.66
N LYS D 45 13.50 10.14 -17.89
CA LYS D 45 14.16 8.87 -18.20
C LYS D 45 15.64 8.92 -17.81
N LEU D 46 16.13 10.11 -17.47
CA LEU D 46 17.54 10.26 -17.09
C LEU D 46 17.72 10.22 -15.58
N TYR D 47 17.03 11.14 -14.93
CA TYR D 47 17.07 11.26 -13.49
C TYR D 47 16.48 10.03 -12.83
N GLU D 48 15.78 9.24 -13.63
CA GLU D 48 15.13 8.03 -13.16
C GLU D 48 16.15 6.92 -13.17
N TYR D 49 17.07 7.06 -14.13
CA TYR D 49 18.18 6.15 -14.40
C TYR D 49 19.42 6.49 -13.61
N ILE D 50 19.58 7.75 -13.24
CA ILE D 50 20.75 8.03 -12.45
C ILE D 50 20.23 7.93 -11.02
N GLU D 51 18.95 7.62 -10.89
CA GLU D 51 18.35 7.45 -9.57
C GLU D 51 18.83 6.11 -9.09
N LYS D 52 18.81 5.13 -9.99
CA LYS D 52 19.25 3.80 -9.67
C LYS D 52 20.75 3.72 -9.50
N ILE D 53 21.47 4.64 -10.13
CA ILE D 53 22.92 4.67 -10.04
C ILE D 53 23.34 5.24 -8.72
N ILE D 54 22.49 6.11 -8.18
CA ILE D 54 22.73 6.74 -6.90
C ILE D 54 22.58 5.81 -5.73
N ASP D 55 21.60 4.93 -5.80
CA ASP D 55 21.39 4.00 -4.69
C ASP D 55 22.50 2.93 -4.66
N ILE D 56 22.77 2.33 -5.79
CA ILE D 56 23.79 1.32 -5.82
C ILE D 56 25.12 1.91 -5.49
N VAL D 57 25.44 3.06 -6.07
CA VAL D 57 26.70 3.67 -5.76
C VAL D 57 26.81 3.80 -4.27
N ALA D 58 25.69 4.05 -3.63
CA ALA D 58 25.70 4.20 -2.19
C ALA D 58 25.92 2.84 -1.51
N GLU D 59 25.38 1.78 -2.10
CA GLU D 59 25.50 0.42 -1.58
C GLU D 59 26.88 -0.22 -1.77
N ARG D 60 27.70 0.37 -2.63
CA ARG D 60 29.04 -0.12 -2.83
C ARG D 60 29.74 0.20 -1.51
N SER D 61 29.43 1.39 -0.99
CA SER D 61 30.01 1.81 0.27
C SER D 61 29.72 0.70 1.27
N ARG D 62 28.45 0.50 1.62
CA ARG D 62 28.09 -0.54 2.58
C ARG D 62 28.68 -1.92 2.27
N MET D 63 29.00 -2.19 1.00
CA MET D 63 29.59 -3.47 0.59
C MET D 63 30.83 -3.80 1.38
N LEU D 64 31.72 -2.81 1.38
CA LEU D 64 33.00 -2.85 2.05
C LEU D 64 32.79 -2.81 3.59
N GLY D 65 32.58 -1.62 4.14
CA GLY D 65 32.35 -1.47 5.57
C GLY D 65 31.78 -0.10 5.86
N TYR D 66 31.99 0.80 4.91
CA TYR D 66 31.53 2.16 5.05
C TYR D 66 30.03 2.31 5.20
N ASP D 67 29.66 3.39 5.88
CA ASP D 67 28.30 3.76 6.13
C ASP D 67 27.95 5.02 5.38
N SER D 68 27.22 4.83 4.29
CA SER D 68 26.80 5.92 3.43
C SER D 68 26.16 7.12 4.10
N GLU D 69 26.22 8.26 3.42
CA GLU D 69 25.62 9.50 3.88
C GLU D 69 24.39 9.78 3.02
N PHE D 70 23.57 10.73 3.49
CA PHE D 70 22.32 11.14 2.83
C PHE D 70 22.02 12.63 3.17
N ARG D 71 22.91 13.22 3.96
CA ARG D 71 22.76 14.60 4.33
C ARG D 71 22.99 15.51 3.13
N TYR D 72 22.34 16.66 3.15
CA TYR D 72 22.43 17.64 2.08
C TYR D 72 23.59 18.58 2.24
N SER D 73 23.93 18.89 3.49
CA SER D 73 25.04 19.78 3.74
C SER D 73 26.23 19.20 3.00
N GLU D 74 26.31 17.88 3.00
CA GLU D 74 27.41 17.17 2.37
C GLU D 74 27.19 16.84 0.89
N PHE D 75 26.31 17.58 0.21
CA PHE D 75 26.09 17.36 -1.21
C PHE D 75 26.45 18.69 -1.86
N MET D 76 25.83 19.77 -1.37
CA MET D 76 26.07 21.12 -1.89
C MET D 76 27.41 21.64 -1.39
N LYS D 77 28.33 20.71 -1.21
CA LYS D 77 29.63 21.06 -0.71
C LYS D 77 30.62 20.09 -1.33
N LYS D 78 30.28 18.80 -1.27
CA LYS D 78 31.15 17.76 -1.80
C LYS D 78 31.15 17.69 -3.33
N SER D 79 29.99 17.87 -3.93
CA SER D 79 29.85 17.79 -5.37
C SER D 79 30.77 18.67 -6.24
N PHE D 80 31.15 18.16 -7.41
CA PHE D 80 31.99 18.89 -8.38
C PHE D 80 31.03 19.30 -9.52
N ILE D 81 29.77 19.51 -9.16
CA ILE D 81 28.74 19.89 -10.11
C ILE D 81 27.80 20.81 -9.34
N LYS D 82 27.45 21.93 -9.96
CA LYS D 82 26.61 22.93 -9.35
C LYS D 82 25.20 23.01 -9.91
N GLU D 83 24.33 23.67 -9.14
CA GLU D 83 22.92 23.84 -9.48
C GLU D 83 22.71 24.74 -10.70
N LEU D 84 21.52 24.62 -11.28
CA LEU D 84 21.14 25.42 -12.43
C LEU D 84 20.21 26.50 -11.90
N ASP D 85 20.36 27.69 -12.47
CA ASP D 85 19.52 28.80 -12.09
C ASP D 85 18.18 28.35 -12.58
N ILE D 86 17.22 29.27 -12.65
CA ILE D 86 15.90 28.90 -13.12
C ILE D 86 15.86 29.11 -14.62
N GLU D 87 17.00 28.84 -15.24
CA GLU D 87 17.24 28.90 -16.68
C GLU D 87 16.67 30.08 -17.48
N SER D 88 16.49 29.83 -18.79
CA SER D 88 15.94 30.77 -19.77
C SER D 88 15.15 29.94 -20.82
N THR D 89 15.59 28.71 -21.06
CA THR D 89 14.92 27.84 -22.03
C THR D 89 15.42 26.38 -21.86
N SER D 90 15.04 25.50 -22.79
CA SER D 90 15.48 24.11 -22.73
C SER D 90 16.91 23.92 -23.18
N ASN D 91 17.19 24.35 -24.40
CA ASN D 91 18.52 24.23 -24.93
C ASN D 91 19.36 25.43 -24.60
N PHE D 92 20.63 25.35 -24.98
CA PHE D 92 21.60 26.39 -24.74
C PHE D 92 22.77 26.29 -25.73
N LEU D 93 22.77 27.14 -26.75
CA LEU D 93 23.82 27.14 -27.77
C LEU D 93 25.28 27.34 -27.24
N PRO D 94 25.48 28.09 -26.13
CA PRO D 94 26.85 28.28 -25.63
C PRO D 94 27.52 27.08 -24.92
N SER D 95 28.82 27.21 -24.65
CA SER D 95 29.62 26.16 -24.00
C SER D 95 28.84 25.27 -23.07
N MET D 96 28.62 25.72 -21.84
CA MET D 96 27.89 24.90 -20.87
C MET D 96 26.45 24.66 -21.27
N GLU D 97 26.14 23.38 -21.52
CA GLU D 97 24.82 22.95 -21.94
C GLU D 97 24.20 21.96 -20.99
N SER D 98 24.49 22.13 -19.70
CA SER D 98 23.99 21.29 -18.61
C SER D 98 23.45 19.93 -19.03
N ILE D 99 22.32 19.98 -19.71
CA ILE D 99 21.65 18.79 -20.22
C ILE D 99 22.70 17.95 -20.96
N VAL D 100 23.76 18.64 -21.39
CA VAL D 100 24.88 18.07 -22.12
C VAL D 100 26.19 18.14 -21.31
N CYS D 101 26.51 19.32 -20.78
CA CYS D 101 27.74 19.52 -19.97
C CYS D 101 27.57 19.18 -18.48
N SER D 102 27.24 17.93 -18.15
CA SER D 102 27.05 17.55 -16.76
C SER D 102 27.52 16.13 -16.54
N LEU D 103 27.15 15.28 -17.48
CA LEU D 103 27.53 13.90 -17.42
C LEU D 103 29.00 13.91 -17.80
N THR D 104 29.35 14.88 -18.64
CA THR D 104 30.69 15.02 -19.14
C THR D 104 31.82 14.99 -18.12
N GLU D 105 31.63 15.66 -16.99
CA GLU D 105 32.64 15.74 -15.93
C GLU D 105 32.72 14.54 -14.99
N ILE D 106 31.57 13.98 -14.63
CA ILE D 106 31.55 12.81 -13.75
C ILE D 106 32.26 11.67 -14.45
N LEU D 107 32.20 11.66 -15.78
CA LEU D 107 32.90 10.63 -16.53
C LEU D 107 34.37 10.79 -16.24
N LYS D 108 34.82 12.04 -16.05
CA LYS D 108 36.22 12.31 -15.71
C LYS D 108 36.47 11.81 -14.28
N ASN D 109 35.70 12.33 -13.33
CA ASN D 109 35.83 11.92 -11.94
C ASN D 109 36.05 10.42 -11.86
N ILE D 110 35.03 9.67 -12.28
CA ILE D 110 35.09 8.22 -12.26
C ILE D 110 36.26 7.75 -13.07
N PHE D 111 36.45 8.34 -14.26
CA PHE D 111 37.60 7.99 -15.10
C PHE D 111 38.73 7.96 -14.08
N GLY D 112 38.96 9.10 -13.43
CA GLY D 112 40.01 9.20 -12.43
C GLY D 112 39.91 8.06 -11.44
N MET D 113 38.78 7.94 -10.78
CA MET D 113 38.62 6.87 -9.81
C MET D 113 39.12 5.53 -10.36
N ARG D 114 38.36 4.90 -11.25
CA ARG D 114 38.72 3.58 -11.82
C ARG D 114 40.19 3.18 -11.72
N LYS D 115 41.10 4.09 -12.07
CA LYS D 115 42.52 3.76 -12.02
C LYS D 115 42.92 3.27 -10.63
N LEU D 116 42.56 4.04 -9.62
CA LEU D 116 42.83 3.73 -8.22
C LEU D 116 42.20 2.39 -7.85
N ILE D 117 41.11 2.07 -8.55
CA ILE D 117 40.40 0.81 -8.34
C ILE D 117 41.14 -0.20 -9.20
N ASP D 118 41.66 0.33 -10.30
CA ASP D 118 42.43 -0.42 -11.28
C ASP D 118 43.82 -0.60 -10.67
N THR D 119 43.89 -0.49 -9.35
CA THR D 119 45.13 -0.63 -8.64
C THR D 119 44.91 -1.34 -7.34
N ALA D 120 44.13 -0.71 -6.47
CA ALA D 120 43.87 -1.27 -5.14
C ALA D 120 43.31 -2.70 -5.11
N GLY D 121 43.00 -3.25 -6.27
CA GLY D 121 42.45 -4.60 -6.29
C GLY D 121 41.01 -4.66 -5.81
N ASP D 122 40.14 -3.85 -6.41
CA ASP D 122 38.72 -3.83 -6.06
C ASP D 122 37.97 -4.01 -7.36
N TYR D 123 38.13 -5.17 -7.97
CA TYR D 123 37.47 -5.50 -9.22
C TYR D 123 35.96 -5.37 -9.08
N GLY D 124 35.47 -5.53 -7.85
CA GLY D 124 34.04 -5.42 -7.63
C GLY D 124 33.53 -4.00 -7.78
N THR D 125 34.37 -3.05 -7.37
CA THR D 125 34.03 -1.64 -7.46
C THR D 125 34.02 -1.21 -8.91
N ALA D 126 35.14 -1.46 -9.58
CA ALA D 126 35.29 -1.11 -10.97
C ALA D 126 34.25 -1.79 -11.84
N ASN D 127 33.86 -3.02 -11.50
CA ASN D 127 32.87 -3.75 -12.32
C ASN D 127 31.57 -2.99 -12.48
N ILE D 128 31.22 -2.23 -11.45
CA ILE D 128 30.01 -1.45 -11.51
C ILE D 128 30.34 -0.01 -11.78
N MET D 129 31.46 0.47 -11.25
CA MET D 129 31.80 1.85 -11.52
C MET D 129 31.91 1.98 -13.02
N ASP D 130 32.80 1.19 -13.63
CA ASP D 130 32.98 1.23 -15.07
C ASP D 130 31.74 0.66 -15.78
N ASP D 131 30.73 0.28 -15.01
CA ASP D 131 29.49 -0.22 -15.60
C ASP D 131 28.69 1.04 -15.87
N ILE D 132 28.92 2.05 -15.05
CA ILE D 132 28.23 3.34 -15.13
C ILE D 132 28.72 4.26 -16.23
N MET D 133 30.01 4.16 -16.55
CA MET D 133 30.53 5.00 -17.60
C MET D 133 29.90 4.61 -18.90
N SER D 134 29.72 3.32 -19.12
CA SER D 134 29.05 2.88 -20.34
C SER D 134 27.68 3.52 -20.25
N ASP D 135 27.05 3.34 -19.08
CA ASP D 135 25.73 3.91 -18.75
C ASP D 135 25.75 5.36 -19.23
N LEU D 136 26.35 6.20 -18.41
CA LEU D 136 26.43 7.61 -18.70
C LEU D 136 27.07 7.95 -20.04
N GLU D 137 27.98 7.16 -20.57
CA GLU D 137 28.53 7.56 -21.85
C GLU D 137 27.48 7.74 -22.95
N LYS D 138 26.53 6.81 -23.08
CA LYS D 138 25.48 6.93 -24.11
C LYS D 138 24.60 8.16 -23.95
N HIS D 139 24.37 8.55 -22.70
CA HIS D 139 23.52 9.67 -22.39
C HIS D 139 24.25 10.97 -22.74
N LEU D 140 25.55 10.85 -22.97
CA LEU D 140 26.38 11.99 -23.36
C LEU D 140 26.16 12.05 -24.87
N TRP D 141 26.56 10.97 -25.53
CA TRP D 141 26.39 10.86 -26.96
C TRP D 141 25.03 11.34 -27.39
N MET D 142 23.98 10.73 -26.86
CA MET D 142 22.61 11.11 -27.21
C MET D 142 22.43 12.61 -27.13
N HIS D 143 22.80 13.22 -26.02
CA HIS D 143 22.58 14.65 -25.92
C HIS D 143 23.32 15.51 -26.91
N LYS D 144 24.65 15.40 -26.97
CA LYS D 144 25.44 16.20 -27.91
C LYS D 144 25.06 15.88 -29.35
N ALA D 145 23.93 15.18 -29.52
CA ALA D 145 23.47 14.82 -30.84
C ALA D 145 22.20 15.62 -31.05
N LEU D 146 21.76 16.25 -29.98
CA LEU D 146 20.56 17.08 -30.03
C LEU D 146 21.03 18.43 -30.56
N LEU D 147 22.36 18.64 -30.48
CA LEU D 147 23.04 19.88 -30.90
C LEU D 147 23.96 19.57 -32.06
N GLU D 148 25.16 19.08 -31.73
CA GLU D 148 26.15 18.72 -32.74
C GLU D 148 27.29 17.87 -32.18
N ASN D 149 27.85 17.01 -33.04
CA ASN D 149 28.97 16.11 -32.66
C ASN D 149 30.14 16.82 -31.92
N CYS D 150 31.35 16.79 -32.51
CA CYS D 150 32.59 17.39 -31.96
C CYS D 150 33.38 16.32 -31.18
N ASP D 151 33.99 16.69 -30.05
CA ASP D 151 34.79 15.78 -29.23
C ASP D 151 34.95 14.37 -29.83
FE FE E . -3.11 -3.88 4.15
FE FE F . -17.37 -19.19 -6.81
FE FE G . -16.97 -19.92 -9.41
FE FE H . -5.76 -5.05 4.47
FE FE I . 18.39 -2.90 -1.96
FE FE J . 6.97 14.49 -13.87
FE FE K . 4.96 13.80 -15.99
FE FE L . 18.52 0.30 -2.57
#